data_5EA4
#
_entry.id   5EA4
#
_cell.length_a   168.370
_cell.length_b   168.370
_cell.length_c   168.370
_cell.angle_alpha   90.000
_cell.angle_beta   90.000
_cell.angle_gamma   90.000
#
_symmetry.space_group_name_H-M   'P 41 3 2'
#
loop_
_entity.id
_entity.type
_entity.pdbx_description
1 polymer 'Fusion glycoprotein F0'
2 non-polymer '2-[N-CYCLOHEXYLAMINO]ETHANE SULFONIC ACID'
3 non-polymer 'SULFATE ION'
4 non-polymer 3-[[5-bromanyl-1-(3-methylsulfonylpropyl)benzimidazol-2-yl]methyl]-1-cyclopropyl-imidazo[4,5-c]pyridin-2-one
5 water water
#
_entity_poly.entity_id   1
_entity_poly.type   'polypeptide(L)'
_entity_poly.pdbx_seq_one_letter_code
;MELLILKANAITTILTAVTFCFASGQNITEEFYQSTCSAVSKGYLSALRTGWYTSVITIELSNIKENKCNGTDAKVKLIK
QELDKYKNAVTELQLLMQSTPATNNRARRELPRFMNYTLNNAKKTNVTLSKKRKRRFLGFLLGVGSAIASGVAVCKVLHL
EGEVNKIKSALLSTNKAVVSLSNGVSVLTFKVLDLKNYIDKQLLPILNKQSCSISNIETVIEFQQKNNRLLEITREFSVN
AGVTTPVSTYMLTNSELLSLINDMPITNDQKKLMSNNVQIVRQQSYSIMCIIKEEVLAYVVQLPLYGVIDTPCWKLHTSP
LCTTNTKEGSNICLTRTDRGWYCDNAGSVSFFPQAETCKVQSNRVFCDTMNSLTLPSEVNLCNVDIFNPKYDCKIMTSKT
DVSSSVITSLGAIVSCYGKTKCTASNKNRGIIKTFSNGCDYVSNKGVDTVSVGNTLYYVNKQEGKSLYVKGEPIINFYDP
LVFPSDEFDASISQVNEKINQSLAFIRKSDELLSAIGGYIPEAPRDGQAYVRKDGEWVLLSTFLGGLVPRGSHHHHHHSA
WSHPQFEK
;
_entity_poly.pdbx_strand_id   F
#
loop_
_chem_comp.id
_chem_comp.type
_chem_comp.name
_chem_comp.formula
5NM non-polymer 3-[[5-bromanyl-1-(3-methylsulfonylpropyl)benzimidazol-2-yl]methyl]-1-cyclopropyl-imidazo[4,5-c]pyridin-2-one 'C21 H22 Br N5 O3 S'
NHE non-polymer '2-[N-CYCLOHEXYLAMINO]ETHANE SULFONIC ACID' 'C8 H17 N O3 S'
SO4 non-polymer 'SULFATE ION' 'O4 S -2'
#
# COMPACT_ATOMS: atom_id res chain seq x y z
N GLN A 26 -7.46 -8.66 -18.08
CA GLN A 26 -7.41 -10.06 -18.47
C GLN A 26 -8.65 -10.82 -18.04
N ASN A 27 -8.56 -12.14 -18.12
CA ASN A 27 -9.63 -13.01 -17.66
C ASN A 27 -9.45 -13.29 -16.17
N ILE A 28 -10.24 -12.62 -15.34
CA ILE A 28 -10.29 -12.95 -13.93
C ILE A 28 -11.25 -14.12 -13.75
N THR A 29 -10.77 -15.20 -13.14
CA THR A 29 -11.64 -16.34 -12.87
C THR A 29 -11.57 -16.70 -11.39
N GLU A 30 -12.53 -17.50 -10.95
CA GLU A 30 -12.62 -17.84 -9.53
C GLU A 30 -13.13 -19.26 -9.33
N GLU A 31 -12.58 -19.93 -8.32
CA GLU A 31 -13.03 -21.26 -7.96
C GLU A 31 -13.36 -21.32 -6.48
N PHE A 32 -14.52 -21.86 -6.16
CA PHE A 32 -14.90 -22.08 -4.77
C PHE A 32 -14.76 -23.53 -4.40
N TYR A 33 -14.08 -23.79 -3.28
CA TYR A 33 -13.91 -25.15 -2.79
C TYR A 33 -14.83 -25.38 -1.61
N GLN A 34 -15.92 -26.09 -1.89
CA GLN A 34 -16.90 -26.47 -0.88
C GLN A 34 -16.26 -27.24 0.27
N SER A 35 -15.25 -28.03 -0.05
CA SER A 35 -14.66 -28.92 0.95
C SER A 35 -13.96 -28.14 2.06
N THR A 36 -13.47 -26.95 1.75
CA THR A 36 -12.66 -26.20 2.71
C THR A 36 -13.16 -24.77 2.94
N CYS A 37 -14.33 -24.44 2.39
CA CYS A 37 -14.92 -23.13 2.60
C CYS A 37 -13.94 -22.01 2.20
N SER A 38 -13.40 -22.11 0.99
CA SER A 38 -12.44 -21.13 0.52
C SER A 38 -12.59 -20.94 -0.98
N ALA A 39 -11.97 -19.90 -1.50
CA ALA A 39 -12.09 -19.56 -2.90
C ALA A 39 -10.83 -18.87 -3.40
N VAL A 40 -10.41 -19.23 -4.60
CA VAL A 40 -9.24 -18.61 -5.21
C VAL A 40 -9.62 -17.79 -6.44
N SER A 41 -9.23 -16.53 -6.45
CA SER A 41 -9.41 -15.67 -7.61
C SER A 41 -8.11 -15.53 -8.39
N LYS A 42 -8.12 -15.86 -9.67
CA LYS A 42 -6.89 -15.79 -10.45
C LYS A 42 -7.04 -15.03 -11.76
N GLY A 43 -5.92 -14.86 -12.45
CA GLY A 43 -5.88 -14.06 -13.67
C GLY A 43 -5.22 -12.72 -13.44
N TYR A 44 -4.73 -12.48 -12.22
CA TYR A 44 -4.10 -11.20 -11.89
C TYR A 44 -2.63 -11.19 -12.28
N LEU A 45 -2.11 -9.99 -12.53
CA LEU A 45 -0.71 -9.82 -12.89
C LEU A 45 0.01 -9.01 -11.83
N SER A 46 1.23 -9.40 -11.50
CA SER A 46 1.96 -8.81 -10.38
C SER A 46 2.62 -7.48 -10.69
N ALA A 47 2.75 -6.66 -9.66
CA ALA A 47 3.65 -5.51 -9.66
C ALA A 47 4.13 -5.35 -8.23
N LEU A 48 5.26 -5.98 -7.91
CA LEU A 48 5.73 -6.03 -6.54
C LEU A 48 6.85 -5.04 -6.30
N ARG A 49 6.70 -4.18 -5.29
CA ARG A 49 7.81 -3.33 -4.90
C ARG A 49 8.85 -4.18 -4.21
N THR A 50 10.02 -4.27 -4.82
CA THR A 50 11.11 -5.11 -4.34
C THR A 50 12.26 -4.28 -3.83
N GLY A 51 12.34 -3.03 -4.28
CA GLY A 51 13.45 -2.16 -3.92
C GLY A 51 13.02 -0.72 -3.80
N TRP A 52 13.99 0.16 -3.60
CA TRP A 52 13.76 1.58 -3.42
C TRP A 52 14.69 2.39 -4.28
N TYR A 53 14.18 3.44 -4.90
CA TYR A 53 15.03 4.41 -5.56
C TYR A 53 14.94 5.75 -4.84
N THR A 54 16.08 6.39 -4.59
CA THR A 54 16.05 7.67 -3.90
C THR A 54 16.45 8.83 -4.82
N SER A 55 15.55 9.78 -4.99
CA SER A 55 15.85 11.00 -5.71
C SER A 55 15.93 12.15 -4.72
N VAL A 56 16.68 13.19 -5.09
CA VAL A 56 16.78 14.37 -4.24
C VAL A 56 16.07 15.53 -4.90
N ILE A 57 15.00 16.01 -4.27
CA ILE A 57 14.20 17.11 -4.81
C ILE A 57 14.57 18.41 -4.10
N THR A 58 14.84 19.45 -4.88
CA THR A 58 15.32 20.69 -4.29
C THR A 58 14.50 21.93 -4.65
N ILE A 59 14.48 22.86 -3.70
CA ILE A 59 13.91 24.19 -3.90
C ILE A 59 14.99 25.20 -3.57
N GLU A 60 15.34 26.04 -4.54
CA GLU A 60 16.38 27.04 -4.32
C GLU A 60 15.82 28.23 -3.55
N LEU A 61 16.49 28.61 -2.47
CA LEU A 61 15.98 29.63 -1.56
C LEU A 61 16.74 30.96 -1.67
N SER A 62 16.05 32.02 -1.28
CA SER A 62 16.66 33.35 -1.24
C SER A 62 17.14 33.68 0.16
N ASN A 63 18.32 34.29 0.25
CA ASN A 63 18.84 34.71 1.54
C ASN A 63 18.73 36.22 1.70
N ILE A 64 17.55 36.68 2.13
CA ILE A 64 17.29 38.11 2.18
C ILE A 64 17.06 38.64 3.60
N LYS A 65 17.17 39.96 3.73
CA LYS A 65 17.02 40.65 5.01
C LYS A 65 15.63 40.49 5.61
N GLY A 71 7.94 53.44 5.56
CA GLY A 71 6.66 53.69 4.94
C GLY A 71 6.20 52.53 4.09
N THR A 72 4.93 52.17 4.22
CA THR A 72 4.36 51.04 3.48
C THR A 72 2.98 51.35 2.92
N ASP A 73 2.76 51.03 1.65
CA ASP A 73 1.42 51.09 1.07
C ASP A 73 0.81 49.70 1.13
N ALA A 74 -0.44 49.59 0.72
CA ALA A 74 -1.20 48.34 0.86
C ALA A 74 -0.57 47.17 0.11
N LYS A 75 -0.08 47.43 -1.10
CA LYS A 75 0.50 46.38 -1.93
C LYS A 75 1.82 45.85 -1.36
N VAL A 76 2.67 46.75 -0.91
CA VAL A 76 3.95 46.35 -0.33
C VAL A 76 3.75 45.66 1.02
N LYS A 77 2.73 46.10 1.74
CA LYS A 77 2.36 45.50 3.02
C LYS A 77 2.01 44.01 2.82
N LEU A 78 1.29 43.72 1.74
CA LEU A 78 0.95 42.35 1.39
C LEU A 78 2.19 41.54 1.03
N ILE A 79 3.09 42.16 0.27
CA ILE A 79 4.31 41.49 -0.15
C ILE A 79 5.16 41.16 1.09
N LYS A 80 5.23 42.09 2.03
CA LYS A 80 6.00 41.87 3.24
C LYS A 80 5.35 40.80 4.11
N GLN A 81 4.03 40.72 4.07
CA GLN A 81 3.32 39.66 4.80
C GLN A 81 3.62 38.30 4.18
N GLU A 82 3.67 38.25 2.86
CA GLU A 82 3.99 37.01 2.16
C GLU A 82 5.45 36.66 2.37
N LEU A 83 6.30 37.67 2.41
CA LEU A 83 7.72 37.47 2.65
C LEU A 83 7.95 36.87 4.04
N ASP A 84 7.12 37.28 5.00
CA ASP A 84 7.21 36.76 6.35
C ASP A 84 6.79 35.30 6.40
N LYS A 85 5.77 34.94 5.63
CA LYS A 85 5.35 33.55 5.54
C LYS A 85 6.47 32.70 4.95
N TYR A 86 7.23 33.26 4.02
CA TYR A 86 8.37 32.60 3.42
C TYR A 86 9.49 32.38 4.45
N LYS A 87 9.84 33.43 5.18
CA LYS A 87 10.89 33.33 6.20
C LYS A 87 10.49 32.34 7.29
N ASN A 88 9.24 32.42 7.72
CA ASN A 88 8.75 31.53 8.76
C ASN A 88 8.80 30.07 8.34
N ALA A 89 8.45 29.81 7.08
CA ALA A 89 8.47 28.46 6.56
C ALA A 89 9.89 27.89 6.60
N VAL A 90 10.85 28.70 6.17
CA VAL A 90 12.24 28.30 6.19
C VAL A 90 12.69 28.00 7.63
N THR A 91 12.42 28.93 8.54
CA THR A 91 12.76 28.76 9.95
C THR A 91 12.14 27.50 10.53
N GLU A 92 10.88 27.27 10.18
CA GLU A 92 10.11 26.12 10.63
C GLU A 92 10.73 24.79 10.18
N LEU A 93 11.12 24.73 8.90
CA LEU A 93 11.77 23.55 8.34
C LEU A 93 13.15 23.34 8.94
N GLN A 94 13.84 24.43 9.26
CA GLN A 94 15.16 24.34 9.89
C GLN A 94 15.03 23.78 11.29
N LEU A 95 14.04 24.26 12.02
CA LEU A 95 13.76 23.78 13.37
C LEU A 95 13.37 22.31 13.34
N LEU A 96 12.72 21.92 12.25
CA LEU A 96 12.21 20.57 12.07
C LEU A 96 13.35 19.55 11.96
N MET A 97 14.45 19.95 11.33
CA MET A 97 15.56 19.04 11.09
C MET A 97 16.65 19.09 12.15
N GLN A 98 16.28 19.38 13.38
CA GLN A 98 17.24 19.34 14.48
C GLN A 98 17.56 17.91 14.88
N SER A 99 16.77 16.98 14.36
CA SER A 99 16.96 15.55 14.62
C SER A 99 16.99 14.72 13.33
N THR A 100 17.37 13.46 13.47
CA THR A 100 17.42 12.52 12.35
C THR A 100 16.00 12.09 11.96
N PRO A 101 15.70 12.07 10.65
CA PRO A 101 14.39 11.63 10.16
C PRO A 101 14.05 10.21 10.61
N ALA A 102 12.79 9.96 10.97
CA ALA A 102 12.37 8.64 11.42
C ALA A 102 10.89 8.34 11.16
N THR A 103 10.58 7.05 11.06
CA THR A 103 9.19 6.60 10.93
C THR A 103 9.10 5.09 11.19
N PHE A 137 -4.90 -13.35 8.67
CA PHE A 137 -4.70 -14.05 9.96
C PHE A 137 -3.22 -14.15 10.33
N LEU A 138 -2.37 -14.31 9.32
CA LEU A 138 -0.98 -14.72 9.54
C LEU A 138 0.02 -13.58 9.49
N GLY A 139 -0.47 -12.34 9.58
CA GLY A 139 0.40 -11.17 9.63
C GLY A 139 1.45 -11.22 10.73
N PHE A 140 1.13 -11.86 11.85
CA PHE A 140 2.07 -11.95 12.97
C PHE A 140 3.35 -12.73 12.59
N LEU A 141 3.32 -13.43 11.46
CA LEU A 141 4.48 -14.21 11.00
C LEU A 141 5.50 -13.35 10.23
N LEU A 142 5.09 -12.15 9.85
CA LEU A 142 5.95 -11.29 9.05
C LEU A 142 7.16 -10.79 9.84
N GLY A 143 8.25 -10.55 9.13
CA GLY A 143 9.40 -9.87 9.69
C GLY A 143 9.13 -8.38 9.85
N VAL A 144 10.16 -7.66 10.27
CA VAL A 144 10.03 -6.23 10.56
C VAL A 144 11.12 -5.46 9.83
N GLY A 145 10.73 -4.57 8.93
CA GLY A 145 11.70 -3.80 8.15
C GLY A 145 11.85 -2.37 8.64
N SER A 146 12.72 -1.61 7.96
CA SER A 146 12.86 -0.18 8.21
C SER A 146 12.61 0.57 6.89
N ALA A 147 11.38 1.04 6.70
CA ALA A 147 10.89 1.49 5.40
C ALA A 147 11.73 2.59 4.74
N ILE A 148 12.22 3.54 5.54
CA ILE A 148 12.99 4.64 4.95
C ILE A 148 14.47 4.61 5.30
N ALA A 149 14.99 3.43 5.64
CA ALA A 149 16.41 3.32 5.96
C ALA A 149 17.29 3.78 4.80
N SER A 150 16.89 3.48 3.57
CA SER A 150 17.71 3.86 2.42
C SER A 150 17.65 5.38 2.17
N GLY A 151 16.45 5.94 2.22
CA GLY A 151 16.28 7.38 2.07
C GLY A 151 17.03 8.14 3.15
N VAL A 152 16.91 7.68 4.40
CA VAL A 152 17.60 8.31 5.51
C VAL A 152 19.11 8.24 5.33
N ALA A 153 19.61 7.12 4.82
CA ALA A 153 21.05 6.98 4.58
C ALA A 153 21.55 7.99 3.55
N VAL A 154 20.77 8.18 2.49
CA VAL A 154 21.12 9.15 1.47
C VAL A 154 21.07 10.57 2.05
N CYS A 155 20.08 10.81 2.92
CA CYS A 155 19.96 12.12 3.57
C CYS A 155 21.15 12.39 4.47
N LYS A 156 21.61 11.36 5.17
CA LYS A 156 22.78 11.47 6.01
C LYS A 156 24.01 11.89 5.19
N VAL A 157 24.13 11.33 3.98
CA VAL A 157 25.23 11.66 3.09
C VAL A 157 25.16 13.13 2.67
N LEU A 158 23.94 13.64 2.50
CA LEU A 158 23.76 15.04 2.07
C LEU A 158 24.25 16.04 3.11
N HIS A 159 24.42 15.58 4.35
CA HIS A 159 24.88 16.47 5.42
C HIS A 159 26.40 16.59 5.47
N LEU A 160 27.09 15.66 4.80
CA LEU A 160 28.56 15.70 4.75
C LEU A 160 29.01 16.98 4.02
N GLU A 161 30.14 17.53 4.44
CA GLU A 161 30.59 18.81 3.91
C GLU A 161 30.87 18.71 2.41
N GLY A 162 30.48 19.75 1.68
CA GLY A 162 30.68 19.80 0.24
C GLY A 162 29.59 19.11 -0.56
N GLU A 163 28.83 18.23 0.10
CA GLU A 163 27.88 17.38 -0.60
C GLU A 163 26.72 18.17 -1.23
N VAL A 164 26.11 19.05 -0.46
CA VAL A 164 25.05 19.91 -0.96
C VAL A 164 25.55 20.81 -2.07
N ASN A 165 26.79 21.26 -1.94
CA ASN A 165 27.39 22.15 -2.92
C ASN A 165 27.49 21.49 -4.30
N LYS A 166 27.74 20.18 -4.31
CA LYS A 166 27.79 19.41 -5.55
C LYS A 166 26.47 19.49 -6.29
N ILE A 167 25.39 19.26 -5.56
CA ILE A 167 24.03 19.33 -6.10
C ILE A 167 23.69 20.72 -6.61
N LYS A 168 23.98 21.74 -5.79
CA LYS A 168 23.74 23.13 -6.16
C LYS A 168 24.44 23.48 -7.46
N SER A 169 25.64 22.94 -7.63
CA SER A 169 26.44 23.19 -8.82
C SER A 169 25.88 22.43 -10.02
N ALA A 170 25.43 21.20 -9.76
CA ALA A 170 24.86 20.35 -10.80
C ALA A 170 23.62 20.98 -11.44
N LEU A 171 22.79 21.61 -10.63
CA LEU A 171 21.51 22.16 -11.08
C LEU A 171 21.60 23.64 -11.42
N LEU A 172 22.81 24.11 -11.70
CA LEU A 172 23.02 25.53 -11.98
C LEU A 172 22.37 25.96 -13.29
N SER A 173 22.54 25.16 -14.34
CA SER A 173 22.07 25.53 -15.66
C SER A 173 20.95 24.64 -16.18
N THR A 174 20.53 23.69 -15.34
CA THR A 174 19.43 22.80 -15.67
C THR A 174 18.66 22.43 -14.40
N ASN A 175 17.45 21.91 -14.56
CA ASN A 175 16.63 21.57 -13.41
C ASN A 175 16.69 20.08 -13.08
N LYS A 176 17.20 19.30 -14.03
CA LYS A 176 17.31 17.85 -13.90
C LYS A 176 18.75 17.41 -14.05
N ALA A 177 19.26 16.61 -13.11
CA ALA A 177 20.63 16.12 -13.22
C ALA A 177 20.84 14.89 -12.35
N VAL A 178 21.72 14.00 -12.82
CA VAL A 178 22.12 12.86 -12.01
C VAL A 178 23.42 13.20 -11.30
N VAL A 179 23.47 12.97 -10.00
CA VAL A 179 24.67 13.26 -9.23
C VAL A 179 25.11 12.04 -8.44
N SER A 180 26.37 11.68 -8.56
CA SER A 180 26.93 10.62 -7.72
C SER A 180 27.42 11.23 -6.42
N LEU A 181 26.92 10.71 -5.31
CA LEU A 181 27.31 11.22 -4.00
C LEU A 181 28.67 10.66 -3.60
N SER A 182 29.22 11.18 -2.51
CA SER A 182 30.57 10.81 -2.09
C SER A 182 30.70 9.35 -1.68
N ASN A 183 29.59 8.71 -1.33
CA ASN A 183 29.61 7.31 -0.92
C ASN A 183 29.34 6.37 -2.10
N GLY A 184 29.33 6.93 -3.30
CA GLY A 184 29.15 6.12 -4.50
C GLY A 184 27.71 6.00 -4.96
N VAL A 185 26.77 6.49 -4.15
CA VAL A 185 25.36 6.41 -4.52
C VAL A 185 25.06 7.44 -5.60
N SER A 186 24.45 6.97 -6.69
CA SER A 186 24.07 7.83 -7.80
C SER A 186 22.61 8.22 -7.69
N VAL A 187 22.34 9.48 -7.35
CA VAL A 187 20.97 9.94 -7.21
C VAL A 187 20.55 10.90 -8.30
N LEU A 188 19.30 10.79 -8.72
CA LEU A 188 18.70 11.76 -9.64
C LEU A 188 18.30 12.98 -8.84
N THR A 189 18.63 14.16 -9.34
CA THR A 189 18.34 15.39 -8.61
C THR A 189 17.45 16.32 -9.43
N PHE A 190 16.57 17.03 -8.73
CA PHE A 190 15.52 17.78 -9.40
C PHE A 190 15.24 19.09 -8.67
N LYS A 191 15.55 20.22 -9.30
CA LYS A 191 15.15 21.52 -8.76
C LYS A 191 13.75 21.85 -9.30
N VAL A 192 12.76 21.77 -8.42
CA VAL A 192 11.37 21.92 -8.84
C VAL A 192 10.85 23.34 -8.66
N LEU A 193 11.62 24.18 -7.96
CA LEU A 193 11.19 25.55 -7.68
C LEU A 193 12.39 26.44 -7.33
N ASP A 194 12.53 27.54 -8.07
CA ASP A 194 13.61 28.49 -7.85
C ASP A 194 13.08 29.77 -7.21
N LEU A 195 12.96 29.77 -5.88
CA LEU A 195 12.48 30.95 -5.16
C LEU A 195 13.59 31.99 -5.02
N LYS A 196 14.84 31.53 -5.10
CA LYS A 196 15.97 32.44 -5.03
C LYS A 196 15.91 33.45 -6.17
N ASN A 197 15.79 32.93 -7.39
CA ASN A 197 15.71 33.77 -8.57
C ASN A 197 14.51 34.70 -8.53
N TYR A 198 13.36 34.19 -8.07
CA TYR A 198 12.16 35.02 -8.07
C TYR A 198 12.27 36.17 -7.07
N ILE A 199 12.78 35.87 -5.88
CA ILE A 199 12.84 36.88 -4.82
C ILE A 199 13.97 37.88 -5.07
N ASP A 200 15.11 37.40 -5.55
CA ASP A 200 16.25 38.28 -5.82
C ASP A 200 15.95 39.20 -7.01
N LYS A 201 15.17 38.71 -7.95
CA LYS A 201 14.55 39.57 -8.96
C LYS A 201 13.19 40.03 -8.44
N GLN A 202 12.42 40.70 -9.27
CA GLN A 202 11.04 41.08 -8.95
C GLN A 202 10.81 41.72 -7.57
N LEU A 203 11.09 40.97 -6.51
CA LEU A 203 10.79 41.42 -5.15
C LEU A 203 11.86 42.30 -4.52
N LEU A 204 13.10 41.83 -4.54
CA LEU A 204 14.21 42.57 -3.96
C LEU A 204 14.37 44.00 -4.51
N PRO A 205 14.21 44.19 -5.84
CA PRO A 205 14.28 45.57 -6.33
C PRO A 205 13.24 46.52 -5.77
N ILE A 206 12.08 46.03 -5.34
CA ILE A 206 11.03 46.94 -4.87
C ILE A 206 11.13 47.21 -3.37
N LEU A 207 11.75 46.30 -2.63
CA LEU A 207 11.87 46.47 -1.18
C LEU A 207 13.14 47.24 -0.81
N ASN A 208 13.93 47.58 -1.82
CA ASN A 208 15.18 48.29 -1.60
C ASN A 208 15.25 49.63 -2.32
N LYS A 209 15.04 49.61 -3.64
CA LYS A 209 15.26 50.78 -4.49
C LYS A 209 14.35 51.95 -4.15
N GLN A 210 13.04 51.79 -4.35
CA GLN A 210 12.08 52.78 -3.89
C GLN A 210 11.46 52.34 -2.59
N SER A 211 12.24 52.41 -1.52
CA SER A 211 11.82 51.93 -0.19
C SER A 211 10.53 52.61 0.27
N CYS A 212 9.46 51.82 0.37
CA CYS A 212 9.52 50.41 0.04
C CYS A 212 8.60 50.05 -1.13
N SER A 213 8.28 51.05 -1.98
CA SER A 213 7.18 50.86 -2.93
C SER A 213 7.39 51.36 -4.37
N ILE A 214 7.59 50.40 -5.27
CA ILE A 214 7.15 50.52 -6.66
C ILE A 214 6.52 49.17 -6.97
N SER A 215 5.22 49.08 -6.70
CA SER A 215 4.56 47.79 -6.64
C SER A 215 3.26 47.76 -7.42
N ASN A 216 2.96 46.60 -7.98
CA ASN A 216 1.70 46.37 -8.65
C ASN A 216 1.04 45.12 -8.07
N ILE A 217 -0.28 45.04 -8.21
CA ILE A 217 -1.06 43.98 -7.59
C ILE A 217 -0.76 42.61 -8.19
N GLU A 218 -0.30 42.58 -9.44
CA GLU A 218 -0.02 41.31 -10.12
C GLU A 218 1.21 40.64 -9.53
N THR A 219 2.12 41.44 -8.97
CA THR A 219 3.31 40.91 -8.32
C THR A 219 2.92 40.25 -6.98
N VAL A 220 2.04 40.90 -6.24
CA VAL A 220 1.48 40.34 -5.02
C VAL A 220 0.86 38.98 -5.27
N ILE A 221 0.03 38.88 -6.31
CA ILE A 221 -0.63 37.63 -6.66
C ILE A 221 0.37 36.56 -7.04
N GLU A 222 1.33 36.93 -7.88
CA GLU A 222 2.31 35.99 -8.40
C GLU A 222 3.16 35.41 -7.29
N PHE A 223 3.59 36.27 -6.37
CA PHE A 223 4.41 35.82 -5.25
C PHE A 223 3.62 34.86 -4.37
N GLN A 224 2.34 35.15 -4.12
CA GLN A 224 1.50 34.26 -3.33
C GLN A 224 1.41 32.87 -3.98
N GLN A 225 1.32 32.85 -5.31
CA GLN A 225 1.23 31.60 -6.05
C GLN A 225 2.52 30.79 -5.92
N LYS A 226 3.65 31.46 -6.14
CA LYS A 226 4.94 30.79 -6.11
C LYS A 226 5.31 30.34 -4.70
N ASN A 227 5.02 31.17 -3.71
CA ASN A 227 5.38 30.85 -2.32
C ASN A 227 4.50 29.76 -1.73
N ASN A 228 3.28 29.65 -2.24
CA ASN A 228 2.28 28.73 -1.67
C ASN A 228 2.76 27.28 -1.64
N ARG A 229 3.50 26.87 -2.66
CA ARG A 229 4.01 25.49 -2.70
C ARG A 229 4.93 25.24 -1.51
N LEU A 230 5.80 26.19 -1.23
CA LEU A 230 6.71 26.09 -0.09
C LEU A 230 5.93 26.00 1.21
N LEU A 231 4.88 26.81 1.32
CA LEU A 231 4.05 26.82 2.53
C LEU A 231 3.34 25.48 2.74
N GLU A 232 2.88 24.86 1.65
CA GLU A 232 2.14 23.62 1.76
C GLU A 232 3.06 22.44 2.05
N ILE A 233 4.22 22.43 1.40
CA ILE A 233 5.22 21.41 1.69
C ILE A 233 5.58 21.46 3.17
N THR A 234 5.80 22.68 3.66
CA THR A 234 6.11 22.89 5.06
C THR A 234 4.97 22.41 5.96
N ARG A 235 3.73 22.70 5.57
CA ARG A 235 2.57 22.23 6.33
C ARG A 235 2.59 20.72 6.47
N GLU A 236 2.81 20.03 5.35
CA GLU A 236 2.80 18.56 5.33
C GLU A 236 3.86 17.99 6.24
N PHE A 237 5.07 18.52 6.14
CA PHE A 237 6.17 18.01 6.95
C PHE A 237 5.90 18.29 8.43
N SER A 238 5.25 19.41 8.72
CA SER A 238 4.99 19.80 10.11
C SER A 238 4.04 18.87 10.86
N VAL A 239 3.11 18.24 10.16
CA VAL A 239 2.18 17.34 10.82
C VAL A 239 2.54 15.88 10.57
N ASN A 240 3.68 15.65 9.93
CA ASN A 240 4.13 14.29 9.66
C ASN A 240 5.57 14.05 10.13
N ALA A 241 6.06 14.96 10.97
CA ALA A 241 7.43 14.87 11.49
C ALA A 241 8.46 14.63 10.38
N GLY A 242 8.33 15.40 9.29
CA GLY A 242 9.32 15.39 8.24
C GLY A 242 9.32 14.19 7.30
N VAL A 243 8.35 13.31 7.44
CA VAL A 243 8.26 12.12 6.60
C VAL A 243 6.82 11.91 6.14
N THR A 244 6.57 12.00 4.84
CA THR A 244 5.19 11.88 4.36
C THR A 244 5.02 10.72 3.40
N THR A 245 3.82 10.14 3.44
CA THR A 245 3.39 9.14 2.49
C THR A 245 1.87 9.05 2.59
N PRO A 246 1.17 9.03 1.43
CA PRO A 246 1.69 9.10 0.07
C PRO A 246 2.34 10.43 -0.28
N VAL A 247 3.16 10.44 -1.32
CA VAL A 247 3.81 11.66 -1.76
C VAL A 247 2.83 12.52 -2.54
N SER A 248 2.56 13.71 -2.00
CA SER A 248 1.55 14.61 -2.56
C SER A 248 2.04 15.32 -3.82
N THR A 249 1.13 16.03 -4.48
CA THR A 249 1.48 16.76 -5.69
C THR A 249 2.14 18.09 -5.35
N TYR A 250 2.19 18.42 -4.06
CA TYR A 250 3.00 19.54 -3.58
C TYR A 250 4.46 19.12 -3.53
N MET A 251 4.72 17.89 -3.08
CA MET A 251 6.08 17.36 -3.03
C MET A 251 6.63 17.21 -4.43
N LEU A 252 5.77 16.72 -5.32
CA LEU A 252 6.13 16.33 -6.66
C LEU A 252 4.86 16.35 -7.49
N THR A 253 4.75 17.32 -8.40
CA THR A 253 3.55 17.43 -9.23
C THR A 253 3.49 16.22 -10.16
N ASN A 254 2.33 16.05 -10.80
CA ASN A 254 2.16 14.92 -11.70
C ASN A 254 3.16 14.96 -12.85
N SER A 255 3.37 16.14 -13.42
CA SER A 255 4.34 16.28 -14.50
C SER A 255 5.75 16.05 -13.99
N GLU A 256 6.08 16.61 -12.84
CA GLU A 256 7.39 16.40 -12.21
C GLU A 256 7.66 14.91 -11.98
N LEU A 257 6.68 14.21 -11.39
CA LEU A 257 6.81 12.78 -11.14
C LEU A 257 6.96 12.00 -12.45
N LEU A 258 6.13 12.33 -13.44
CA LEU A 258 6.18 11.64 -14.73
C LEU A 258 7.55 11.79 -15.41
N SER A 259 8.13 12.99 -15.37
CA SER A 259 9.43 13.19 -16.01
C SER A 259 10.54 12.56 -15.16
N LEU A 260 10.36 12.57 -13.85
CA LEU A 260 11.26 11.88 -12.95
C LEU A 260 11.31 10.38 -13.30
N ILE A 261 10.13 9.78 -13.44
CA ILE A 261 10.02 8.39 -13.86
C ILE A 261 10.69 8.16 -15.21
N ASN A 262 10.49 9.09 -16.14
CA ASN A 262 11.06 8.98 -17.47
C ASN A 262 12.59 9.02 -17.45
N ASP A 263 13.14 9.83 -16.55
CA ASP A 263 14.59 9.97 -16.46
C ASP A 263 15.20 8.95 -15.50
N MET A 264 14.37 8.04 -14.98
CA MET A 264 14.81 7.05 -14.01
C MET A 264 15.60 5.94 -14.70
N PRO A 265 16.62 5.38 -14.01
CA PRO A 265 17.39 4.25 -14.52
C PRO A 265 16.65 2.92 -14.43
N ILE A 266 15.57 2.79 -15.18
CA ILE A 266 14.73 1.59 -15.14
C ILE A 266 14.35 1.16 -16.55
N THR A 267 13.80 -0.04 -16.67
CA THR A 267 13.37 -0.53 -17.97
C THR A 267 12.12 0.20 -18.48
N ASN A 268 11.88 0.09 -19.77
CA ASN A 268 10.69 0.68 -20.38
C ASN A 268 9.39 0.10 -19.81
N ASP A 269 9.42 -1.18 -19.49
CA ASP A 269 8.27 -1.84 -18.88
C ASP A 269 7.94 -1.19 -17.53
N GLN A 270 8.98 -0.88 -16.75
CA GLN A 270 8.80 -0.22 -15.47
C GLN A 270 8.32 1.21 -15.64
N LYS A 271 8.92 1.94 -16.57
CA LYS A 271 8.49 3.31 -16.85
C LYS A 271 7.03 3.37 -17.26
N LYS A 272 6.62 2.43 -18.11
CA LYS A 272 5.23 2.39 -18.57
C LYS A 272 4.30 2.05 -17.42
N LEU A 273 4.69 1.05 -16.63
CA LEU A 273 3.91 0.62 -15.48
C LEU A 273 3.75 1.75 -14.47
N MET A 274 4.83 2.44 -14.15
CA MET A 274 4.78 3.54 -13.19
C MET A 274 4.02 4.75 -13.72
N SER A 275 4.18 5.05 -15.00
CA SER A 275 3.49 6.19 -15.60
C SER A 275 1.98 5.95 -15.70
N ASN A 276 1.59 4.70 -15.91
CA ASN A 276 0.19 4.36 -16.03
C ASN A 276 -0.47 4.16 -14.68
N ASN A 277 0.33 4.23 -13.61
CA ASN A 277 -0.19 4.03 -12.26
C ASN A 277 0.46 4.97 -11.24
N VAL A 278 0.56 6.25 -11.59
CA VAL A 278 1.26 7.21 -10.72
C VAL A 278 0.59 7.34 -9.36
N GLN A 279 -0.73 7.15 -9.30
CA GLN A 279 -1.43 7.28 -8.03
C GLN A 279 -1.01 6.15 -7.08
N ILE A 280 -0.67 4.98 -7.63
CA ILE A 280 -0.17 3.90 -6.78
C ILE A 280 1.28 4.17 -6.40
N VAL A 281 2.05 4.64 -7.36
CA VAL A 281 3.44 5.00 -7.12
C VAL A 281 3.52 6.01 -5.96
N ARG A 282 2.61 6.98 -5.94
CA ARG A 282 2.59 7.97 -4.86
C ARG A 282 2.32 7.32 -3.52
N GLN A 283 1.42 6.34 -3.51
CA GLN A 283 1.06 5.69 -2.25
C GLN A 283 2.18 4.81 -1.72
N GLN A 284 3.07 4.38 -2.61
CA GLN A 284 4.17 3.52 -2.21
C GLN A 284 5.48 4.31 -2.10
N SER A 285 5.37 5.63 -2.10
CA SER A 285 6.56 6.48 -1.99
C SER A 285 6.61 7.22 -0.67
N TYR A 286 7.81 7.67 -0.30
CA TYR A 286 7.99 8.50 0.89
C TYR A 286 8.68 9.81 0.52
N SER A 287 8.25 10.90 1.14
CA SER A 287 9.00 12.15 1.06
C SER A 287 9.65 12.42 2.41
N ILE A 288 10.98 12.49 2.41
CA ILE A 288 11.74 12.64 3.64
C ILE A 288 12.46 13.99 3.68
N MET A 289 11.96 14.90 4.52
CA MET A 289 12.59 16.21 4.70
C MET A 289 14.03 16.02 5.15
N CYS A 290 14.98 16.67 4.48
CA CYS A 290 16.36 16.28 4.68
C CYS A 290 17.29 17.38 5.18
N ILE A 291 17.39 18.47 4.43
CA ILE A 291 18.40 19.47 4.78
C ILE A 291 18.06 20.85 4.21
N ILE A 292 18.40 21.87 4.98
CA ILE A 292 18.42 23.24 4.46
C ILE A 292 19.81 23.81 4.70
N LYS A 293 20.54 24.05 3.61
CA LYS A 293 21.93 24.49 3.69
C LYS A 293 22.37 25.18 2.41
N GLU A 294 23.01 26.34 2.54
CA GLU A 294 23.50 27.12 1.40
C GLU A 294 22.37 27.43 0.42
N GLU A 295 21.28 27.97 0.95
CA GLU A 295 20.13 28.38 0.16
C GLU A 295 19.50 27.25 -0.65
N VAL A 296 19.79 26.01 -0.25
CA VAL A 296 19.17 24.85 -0.88
C VAL A 296 18.27 24.13 0.12
N LEU A 297 17.00 24.02 -0.21
CA LEU A 297 16.09 23.14 0.53
C LEU A 297 16.00 21.81 -0.22
N ALA A 298 16.27 20.72 0.47
CA ALA A 298 16.28 19.41 -0.16
C ALA A 298 15.53 18.35 0.63
N TYR A 299 14.62 17.67 -0.03
CA TYR A 299 14.00 16.50 0.55
C TYR A 299 14.20 15.31 -0.38
N VAL A 300 14.41 14.15 0.22
CA VAL A 300 14.60 12.91 -0.53
C VAL A 300 13.23 12.30 -0.82
N VAL A 301 12.96 12.00 -2.09
CA VAL A 301 11.76 11.25 -2.40
C VAL A 301 12.14 9.82 -2.73
N GLN A 302 11.62 8.91 -1.92
CA GLN A 302 11.95 7.50 -2.01
C GLN A 302 10.89 6.78 -2.82
N LEU A 303 11.27 6.34 -4.01
CA LEU A 303 10.34 5.76 -4.97
C LEU A 303 10.47 4.24 -5.06
N PRO A 304 9.34 3.56 -5.27
CA PRO A 304 9.31 2.09 -5.37
C PRO A 304 10.01 1.59 -6.63
N LEU A 305 10.77 0.51 -6.48
CA LEU A 305 11.29 -0.23 -7.61
C LEU A 305 10.48 -1.51 -7.75
N TYR A 306 9.85 -1.72 -8.90
CA TYR A 306 9.09 -2.93 -9.14
C TYR A 306 9.93 -3.98 -9.87
N GLY A 307 10.64 -4.81 -9.11
CA GLY A 307 11.55 -5.80 -9.68
C GLY A 307 10.86 -7.08 -10.11
N VAL A 308 9.58 -7.20 -9.81
CA VAL A 308 8.76 -8.33 -10.25
C VAL A 308 7.52 -7.81 -10.93
N ILE A 309 7.35 -8.10 -12.20
CA ILE A 309 6.23 -7.59 -12.98
C ILE A 309 5.65 -8.72 -13.83
N ASP A 310 4.31 -8.80 -13.86
CA ASP A 310 3.58 -9.68 -14.79
C ASP A 310 3.71 -11.15 -14.49
N THR A 311 3.95 -11.50 -13.23
CA THR A 311 3.86 -12.89 -12.82
C THR A 311 2.43 -13.15 -12.35
N PRO A 312 1.98 -14.41 -12.45
CA PRO A 312 0.60 -14.69 -12.02
C PRO A 312 0.41 -14.41 -10.53
N CYS A 313 -0.72 -13.80 -10.21
CA CYS A 313 -1.14 -13.59 -8.84
C CYS A 313 -2.52 -14.18 -8.61
N TRP A 314 -2.79 -14.61 -7.39
CA TRP A 314 -4.13 -15.06 -7.05
C TRP A 314 -4.47 -14.68 -5.61
N LYS A 315 -5.76 -14.47 -5.36
CA LYS A 315 -6.23 -14.08 -4.05
C LYS A 315 -7.00 -15.22 -3.39
N LEU A 316 -6.55 -15.64 -2.21
CA LEU A 316 -7.21 -16.72 -1.49
C LEU A 316 -8.15 -16.15 -0.42
N HIS A 317 -9.43 -16.46 -0.55
CA HIS A 317 -10.44 -16.07 0.42
C HIS A 317 -10.83 -17.28 1.24
N THR A 318 -10.96 -17.12 2.55
CA THR A 318 -11.35 -18.23 3.40
C THR A 318 -12.39 -17.79 4.42
N SER A 319 -13.14 -18.77 4.96
CA SER A 319 -14.24 -18.50 5.87
C SER A 319 -14.45 -19.73 6.76
N PRO A 320 -15.03 -19.55 7.96
CA PRO A 320 -15.13 -20.71 8.86
C PRO A 320 -16.04 -21.82 8.35
N LEU A 321 -15.54 -23.05 8.48
CA LEU A 321 -16.26 -24.26 8.13
C LEU A 321 -16.64 -25.01 9.41
N CYS A 322 -17.92 -25.05 9.73
CA CYS A 322 -18.35 -25.72 10.96
C CYS A 322 -19.34 -26.84 10.65
N THR A 323 -19.42 -27.80 11.58
CA THR A 323 -20.51 -28.77 11.55
C THR A 323 -21.79 -28.01 11.84
N THR A 324 -22.92 -28.62 11.53
CA THR A 324 -24.20 -27.92 11.63
C THR A 324 -25.23 -28.70 12.46
N ASN A 325 -24.76 -29.38 13.49
CA ASN A 325 -25.64 -30.11 14.39
C ASN A 325 -26.61 -29.18 15.12
N THR A 326 -27.74 -29.74 15.50
CA THR A 326 -28.82 -28.98 16.13
C THR A 326 -28.44 -28.45 17.52
N LYS A 327 -27.89 -29.30 18.36
CA LYS A 327 -27.49 -28.92 19.71
C LYS A 327 -26.40 -27.85 19.72
N GLU A 328 -26.70 -26.70 20.33
CA GLU A 328 -25.78 -25.58 20.41
C GLU A 328 -24.50 -25.95 21.17
N GLY A 329 -23.37 -25.46 20.68
CA GLY A 329 -22.09 -25.68 21.33
C GLY A 329 -21.49 -27.07 21.09
N SER A 330 -22.19 -27.89 20.33
CA SER A 330 -21.69 -29.23 20.02
C SER A 330 -20.95 -29.23 18.69
N ASN A 331 -20.88 -28.06 18.05
CA ASN A 331 -20.26 -27.98 16.74
C ASN A 331 -18.78 -27.62 16.81
N ILE A 332 -18.04 -28.09 15.81
CA ILE A 332 -16.62 -27.80 15.71
C ILE A 332 -16.34 -27.08 14.40
N CYS A 333 -15.34 -26.23 14.40
CA CYS A 333 -15.05 -25.39 13.24
C CYS A 333 -13.59 -25.43 12.88
N LEU A 334 -13.33 -25.06 11.64
CA LEU A 334 -12.00 -25.05 11.08
C LEU A 334 -12.00 -23.93 10.05
N THR A 335 -10.92 -23.15 10.00
CA THR A 335 -10.79 -22.08 9.01
C THR A 335 -9.39 -22.10 8.42
N ARG A 336 -9.29 -22.13 7.09
CA ARG A 336 -7.98 -21.96 6.47
C ARG A 336 -7.45 -20.56 6.81
N THR A 337 -6.24 -20.51 7.37
CA THR A 337 -5.66 -19.24 7.84
C THR A 337 -4.76 -18.60 6.80
N ASP A 338 -4.50 -19.30 5.72
CA ASP A 338 -3.55 -18.84 4.71
C ASP A 338 -4.18 -17.92 3.69
N ARG A 339 -5.25 -17.24 4.06
CA ARG A 339 -5.86 -16.30 3.15
C ARG A 339 -4.97 -15.09 2.94
N GLY A 340 -5.10 -14.49 1.76
CA GLY A 340 -4.30 -13.35 1.37
C GLY A 340 -3.96 -13.40 -0.11
N TRP A 341 -3.07 -12.51 -0.52
CA TRP A 341 -2.60 -12.47 -1.90
C TRP A 341 -1.39 -13.37 -2.08
N TYR A 342 -1.34 -14.04 -3.23
CA TYR A 342 -0.23 -14.89 -3.62
C TYR A 342 0.28 -14.49 -5.00
N CYS A 343 1.59 -14.37 -5.15
CA CYS A 343 2.18 -14.09 -6.44
C CYS A 343 3.36 -14.99 -6.70
N ASP A 344 3.41 -15.59 -7.89
CA ASP A 344 4.61 -16.31 -8.31
C ASP A 344 5.77 -15.32 -8.32
N ASN A 345 6.90 -15.73 -7.74
CA ASN A 345 8.05 -14.84 -7.64
C ASN A 345 9.33 -15.63 -7.49
N ALA A 346 10.12 -15.65 -8.55
CA ALA A 346 11.48 -16.19 -8.53
C ALA A 346 11.56 -17.64 -8.06
N GLY A 347 10.65 -18.49 -8.55
CA GLY A 347 10.71 -19.91 -8.23
C GLY A 347 10.01 -20.25 -6.91
N SER A 348 9.63 -19.21 -6.19
CA SER A 348 8.87 -19.37 -4.95
C SER A 348 7.53 -18.66 -5.09
N VAL A 349 6.80 -18.56 -3.99
CA VAL A 349 5.55 -17.82 -4.00
C VAL A 349 5.59 -16.75 -2.92
N SER A 350 5.34 -15.51 -3.31
CA SER A 350 5.26 -14.43 -2.35
C SER A 350 3.86 -14.37 -1.79
N PHE A 351 3.76 -14.48 -0.46
CA PHE A 351 2.48 -14.55 0.22
C PHE A 351 2.25 -13.34 1.10
N PHE A 352 1.15 -12.64 0.83
CA PHE A 352 0.81 -11.41 1.54
C PHE A 352 -0.43 -11.65 2.41
N PRO A 353 -0.22 -12.01 3.69
CA PRO A 353 -1.32 -12.37 4.61
C PRO A 353 -2.31 -11.22 4.86
N GLN A 354 -1.83 -9.98 4.90
CA GLN A 354 -2.72 -8.83 5.04
C GLN A 354 -3.10 -8.30 3.65
N ALA A 355 -4.10 -8.92 3.02
CA ALA A 355 -4.49 -8.63 1.64
C ALA A 355 -4.83 -7.13 1.40
N GLU A 356 -5.00 -6.39 2.49
CA GLU A 356 -5.22 -4.96 2.47
C GLU A 356 -3.93 -4.19 2.18
N THR A 357 -2.79 -4.87 2.23
CA THR A 357 -1.52 -4.25 1.91
C THR A 357 -1.26 -4.26 0.40
N CYS A 358 -2.13 -4.93 -0.34
CA CYS A 358 -2.04 -4.93 -1.80
C CYS A 358 -3.13 -4.05 -2.41
N LYS A 359 -2.80 -3.37 -3.49
CA LYS A 359 -3.77 -2.54 -4.19
C LYS A 359 -4.02 -3.11 -5.59
N VAL A 360 -5.28 -3.28 -5.94
CA VAL A 360 -5.64 -3.85 -7.23
C VAL A 360 -6.11 -2.78 -8.20
N GLN A 361 -5.50 -2.75 -9.38
CA GLN A 361 -5.91 -1.89 -10.47
C GLN A 361 -6.24 -2.76 -11.69
N SER A 362 -7.54 -2.91 -11.95
CA SER A 362 -8.06 -3.84 -12.97
C SER A 362 -7.58 -5.26 -12.70
N ASN A 363 -6.60 -5.75 -13.46
CA ASN A 363 -6.08 -7.09 -13.20
C ASN A 363 -4.63 -7.05 -12.74
N ARG A 364 -4.12 -5.86 -12.46
CA ARG A 364 -2.78 -5.68 -11.93
C ARG A 364 -2.85 -5.53 -10.41
N VAL A 365 -2.01 -6.24 -9.68
CA VAL A 365 -2.04 -6.09 -8.24
C VAL A 365 -0.68 -5.64 -7.71
N PHE A 366 -0.70 -4.51 -7.01
CA PHE A 366 0.51 -3.91 -6.47
C PHE A 366 0.68 -4.33 -5.02
N CYS A 367 1.79 -4.98 -4.71
CA CYS A 367 2.10 -5.38 -3.35
C CYS A 367 3.50 -4.93 -2.97
N ASP A 368 3.83 -5.11 -1.69
CA ASP A 368 5.13 -4.75 -1.17
C ASP A 368 5.74 -6.01 -0.56
N THR A 369 6.93 -6.40 -1.01
CA THR A 369 7.51 -7.66 -0.53
C THR A 369 7.88 -7.63 0.95
N MET A 370 7.94 -6.43 1.54
CA MET A 370 8.24 -6.28 2.95
C MET A 370 7.12 -6.90 3.80
N ASN A 371 5.91 -6.94 3.22
CA ASN A 371 4.75 -7.52 3.88
C ASN A 371 4.44 -8.92 3.37
N SER A 372 5.48 -9.66 2.96
CA SER A 372 5.27 -11.00 2.47
C SER A 372 6.10 -12.02 3.21
N LEU A 373 5.65 -13.27 3.11
CA LEU A 373 6.48 -14.42 3.39
C LEU A 373 6.88 -14.99 2.04
N THR A 374 8.03 -15.64 1.99
CA THR A 374 8.45 -16.34 0.79
C THR A 374 8.22 -17.82 1.03
N LEU A 375 7.28 -18.40 0.29
CA LEU A 375 6.86 -19.77 0.54
C LEU A 375 7.18 -20.73 -0.61
N PRO A 376 7.33 -22.03 -0.30
CA PRO A 376 7.44 -23.01 -1.38
C PRO A 376 6.20 -22.94 -2.26
N SER A 377 6.34 -23.20 -3.55
CA SER A 377 5.20 -23.05 -4.45
C SER A 377 4.16 -24.12 -4.17
N GLU A 378 4.54 -25.15 -3.41
CA GLU A 378 3.60 -26.20 -3.02
C GLU A 378 2.48 -25.69 -2.10
N VAL A 379 2.64 -24.49 -1.56
CA VAL A 379 1.57 -23.90 -0.75
C VAL A 379 0.28 -23.81 -1.56
N ASN A 380 0.40 -23.75 -2.89
CA ASN A 380 -0.77 -23.70 -3.76
C ASN A 380 -1.61 -24.99 -3.69
N LEU A 381 -0.96 -26.11 -3.35
CA LEU A 381 -1.66 -27.39 -3.30
C LEU A 381 -2.81 -27.42 -2.30
N CYS A 382 -2.77 -26.54 -1.30
CA CYS A 382 -3.80 -26.53 -0.26
C CYS A 382 -5.16 -26.18 -0.83
N ASN A 383 -5.16 -25.59 -2.02
CA ASN A 383 -6.40 -25.18 -2.65
C ASN A 383 -7.10 -26.36 -3.29
N VAL A 384 -6.34 -27.22 -3.97
CA VAL A 384 -6.93 -28.39 -4.61
C VAL A 384 -7.03 -29.58 -3.67
N ASP A 385 -6.03 -29.77 -2.81
CA ASP A 385 -6.00 -30.90 -1.89
C ASP A 385 -5.38 -30.49 -0.55
N ILE A 386 -6.23 -30.15 0.42
CA ILE A 386 -5.75 -29.65 1.70
C ILE A 386 -5.04 -30.74 2.52
N PHE A 387 -5.20 -32.00 2.12
CA PHE A 387 -4.51 -33.10 2.81
C PHE A 387 -3.27 -33.56 2.05
N ASN A 388 -2.88 -32.81 1.02
CA ASN A 388 -1.70 -33.13 0.23
C ASN A 388 -0.46 -33.33 1.10
N PRO A 389 0.43 -34.25 0.68
CA PRO A 389 1.61 -34.63 1.47
C PRO A 389 2.81 -33.73 1.30
N LYS A 390 2.73 -32.72 0.45
CA LYS A 390 3.92 -31.94 0.11
C LYS A 390 3.99 -30.60 0.84
N TYR A 391 2.84 -30.14 1.33
CA TYR A 391 2.79 -28.91 2.11
C TYR A 391 1.76 -29.07 3.23
N ASP A 392 2.15 -28.66 4.43
CA ASP A 392 1.28 -28.80 5.60
C ASP A 392 0.36 -27.59 5.70
N CYS A 393 -0.84 -27.72 5.14
CA CYS A 393 -1.74 -26.58 5.01
C CYS A 393 -2.17 -26.02 6.37
N LYS A 394 -2.19 -24.70 6.47
CA LYS A 394 -2.44 -24.05 7.75
C LYS A 394 -3.93 -23.79 7.98
N ILE A 395 -4.38 -24.12 9.18
CA ILE A 395 -5.76 -23.93 9.60
C ILE A 395 -5.81 -23.49 11.05
N MET A 396 -6.94 -22.92 11.44
CA MET A 396 -7.22 -22.68 12.85
C MET A 396 -8.48 -23.46 13.18
N THR A 397 -8.64 -23.84 14.45
CA THR A 397 -9.80 -24.60 14.88
C THR A 397 -10.54 -23.86 15.99
N SER A 398 -11.84 -24.07 16.09
CA SER A 398 -12.61 -23.48 17.17
C SER A 398 -13.96 -24.16 17.29
N LYS A 399 -14.76 -23.70 18.26
CA LYS A 399 -16.16 -24.12 18.38
C LYS A 399 -17.07 -22.92 18.19
N THR A 400 -16.52 -21.84 17.66
CA THR A 400 -17.27 -20.60 17.55
C THR A 400 -17.98 -20.55 16.21
N ASP A 401 -19.17 -21.14 16.13
CA ASP A 401 -19.88 -21.20 14.87
C ASP A 401 -20.77 -19.98 14.70
N VAL A 402 -20.15 -18.84 14.43
CA VAL A 402 -20.89 -17.62 14.12
C VAL A 402 -20.99 -17.44 12.62
N SER A 403 -22.02 -16.73 12.19
CA SER A 403 -22.29 -16.56 10.78
C SER A 403 -21.62 -15.31 10.23
N SER A 404 -21.15 -15.40 9.00
CA SER A 404 -20.57 -14.26 8.30
C SER A 404 -20.48 -14.57 6.82
N SER A 405 -20.05 -13.58 6.05
CA SER A 405 -19.81 -13.78 4.64
C SER A 405 -18.47 -13.16 4.27
N VAL A 406 -17.79 -13.75 3.28
CA VAL A 406 -16.61 -13.15 2.70
C VAL A 406 -16.88 -12.85 1.24
N ILE A 407 -16.83 -11.57 0.90
CA ILE A 407 -17.01 -11.12 -0.47
C ILE A 407 -15.72 -11.31 -1.26
N THR A 408 -15.81 -12.09 -2.32
CA THR A 408 -14.64 -12.45 -3.11
C THR A 408 -14.51 -11.55 -4.33
N SER A 409 -13.61 -11.88 -5.24
CA SER A 409 -13.48 -11.09 -6.46
C SER A 409 -14.73 -11.24 -7.32
N LEU A 410 -15.30 -12.44 -7.37
CA LEU A 410 -16.34 -12.72 -8.35
C LEU A 410 -17.59 -13.34 -7.75
N GLY A 411 -17.72 -13.27 -6.42
CA GLY A 411 -18.87 -13.84 -5.75
C GLY A 411 -18.85 -13.62 -4.25
N ALA A 412 -19.37 -14.59 -3.51
CA ALA A 412 -19.46 -14.45 -2.07
C ALA A 412 -19.45 -15.81 -1.39
N ILE A 413 -18.62 -15.95 -0.38
CA ILE A 413 -18.66 -17.14 0.46
C ILE A 413 -19.57 -16.88 1.63
N VAL A 414 -20.46 -17.82 1.93
CA VAL A 414 -21.36 -17.65 3.05
C VAL A 414 -21.19 -18.75 4.08
N SER A 415 -20.78 -18.35 5.28
CA SER A 415 -20.71 -19.26 6.41
C SER A 415 -21.93 -19.01 7.30
N CYS A 416 -22.95 -19.86 7.14
CA CYS A 416 -24.23 -19.66 7.78
C CYS A 416 -24.46 -20.72 8.84
N TYR A 417 -24.57 -20.32 10.09
CA TYR A 417 -24.74 -21.28 11.17
C TYR A 417 -25.82 -20.86 12.16
N GLY A 418 -26.32 -21.83 12.93
CA GLY A 418 -27.29 -21.54 13.97
C GLY A 418 -28.62 -21.10 13.40
N LYS A 419 -29.16 -20.01 13.94
CA LYS A 419 -30.46 -19.49 13.53
C LYS A 419 -30.36 -18.33 12.54
N THR A 420 -29.17 -18.09 12.01
CA THR A 420 -28.95 -16.95 11.14
C THR A 420 -29.71 -17.04 9.82
N LYS A 421 -30.29 -15.92 9.40
CA LYS A 421 -30.87 -15.80 8.07
C LYS A 421 -29.79 -15.41 7.06
N CYS A 422 -29.58 -16.27 6.07
CA CYS A 422 -28.57 -16.00 5.04
C CYS A 422 -29.18 -16.12 3.65
N THR A 423 -29.12 -15.03 2.89
CA THR A 423 -29.71 -15.02 1.56
C THR A 423 -28.84 -14.30 0.56
N ALA A 424 -29.18 -14.48 -0.71
CA ALA A 424 -28.55 -13.75 -1.79
C ALA A 424 -29.65 -13.14 -2.65
N SER A 425 -29.47 -11.89 -3.05
CA SER A 425 -30.51 -11.20 -3.79
C SER A 425 -30.02 -10.56 -5.08
N ASN A 426 -30.99 -10.28 -5.94
CA ASN A 426 -30.80 -9.45 -7.12
C ASN A 426 -31.39 -8.06 -6.86
N LYS A 427 -30.93 -7.07 -7.60
CA LYS A 427 -31.42 -5.70 -7.50
C LYS A 427 -32.95 -5.60 -7.56
N ASN A 428 -33.53 -6.14 -8.61
CA ASN A 428 -34.95 -5.95 -8.89
C ASN A 428 -35.83 -7.09 -8.42
N ARG A 429 -35.27 -8.30 -8.35
CA ARG A 429 -36.06 -9.48 -8.04
C ARG A 429 -36.18 -9.75 -6.54
N GLY A 430 -35.17 -9.37 -5.76
CA GLY A 430 -35.17 -9.67 -4.34
C GLY A 430 -34.50 -11.00 -4.09
N ILE A 431 -34.92 -11.70 -3.04
CA ILE A 431 -34.26 -12.94 -2.63
C ILE A 431 -34.41 -14.04 -3.67
N ILE A 432 -33.28 -14.59 -4.11
CA ILE A 432 -33.30 -15.65 -5.09
C ILE A 432 -32.68 -16.93 -4.55
N LYS A 433 -31.91 -16.81 -3.48
CA LYS A 433 -31.37 -17.99 -2.82
C LYS A 433 -31.36 -17.82 -1.32
N THR A 434 -31.84 -18.84 -0.61
CA THR A 434 -31.72 -18.88 0.83
C THR A 434 -30.71 -19.96 1.20
N PHE A 435 -29.67 -19.58 1.92
CA PHE A 435 -28.62 -20.52 2.29
C PHE A 435 -29.05 -21.39 3.47
N SER A 436 -28.74 -22.67 3.40
CA SER A 436 -28.90 -23.56 4.54
C SER A 436 -27.62 -23.47 5.38
N ASN A 437 -27.67 -24.02 6.59
CA ASN A 437 -26.50 -24.02 7.46
C ASN A 437 -25.33 -24.75 6.82
N GLY A 438 -24.13 -24.20 6.99
CA GLY A 438 -22.95 -24.75 6.35
C GLY A 438 -22.20 -23.65 5.63
N CYS A 439 -21.17 -24.01 4.87
CA CYS A 439 -20.45 -23.04 4.07
C CYS A 439 -20.81 -23.22 2.61
N ASP A 440 -21.21 -22.13 1.97
CA ASP A 440 -21.73 -22.20 0.60
C ASP A 440 -21.20 -20.98 -0.14
N TYR A 441 -21.59 -20.83 -1.40
CA TYR A 441 -21.03 -19.80 -2.26
C TYR A 441 -22.02 -19.42 -3.33
N VAL A 442 -21.96 -18.18 -3.77
CA VAL A 442 -22.75 -17.79 -4.93
C VAL A 442 -21.88 -16.84 -5.77
N SER A 443 -22.01 -16.91 -7.09
CA SER A 443 -21.23 -16.05 -7.96
C SER A 443 -21.93 -14.69 -8.12
N ASN A 444 -21.20 -13.70 -8.63
CA ASN A 444 -21.74 -12.35 -8.74
C ASN A 444 -22.63 -12.18 -9.98
N LYS A 445 -22.76 -13.24 -10.77
CA LYS A 445 -23.61 -13.20 -11.96
C LYS A 445 -25.07 -13.31 -11.54
N GLY A 446 -25.85 -12.26 -11.77
CA GLY A 446 -27.25 -12.26 -11.37
C GLY A 446 -27.45 -12.01 -9.88
N VAL A 447 -26.37 -11.84 -9.14
CA VAL A 447 -26.44 -11.51 -7.71
C VAL A 447 -25.85 -10.13 -7.44
N ASP A 448 -26.55 -9.32 -6.66
CA ASP A 448 -26.07 -7.98 -6.33
C ASP A 448 -25.69 -7.86 -4.87
N THR A 449 -26.48 -8.51 -4.01
CA THR A 449 -26.23 -8.46 -2.58
C THR A 449 -26.34 -9.84 -1.92
N VAL A 450 -25.70 -9.95 -0.78
CA VAL A 450 -25.81 -11.11 0.09
C VAL A 450 -26.11 -10.58 1.48
N SER A 451 -26.99 -11.24 2.21
CA SER A 451 -27.26 -10.84 3.60
C SER A 451 -27.02 -11.99 4.56
N VAL A 452 -26.21 -11.74 5.58
CA VAL A 452 -26.02 -12.69 6.64
C VAL A 452 -26.37 -12.01 7.96
N GLY A 453 -27.46 -12.46 8.58
CA GLY A 453 -27.96 -11.77 9.75
C GLY A 453 -28.36 -10.35 9.39
N ASN A 454 -27.93 -9.38 10.20
CA ASN A 454 -28.28 -7.98 9.95
C ASN A 454 -27.24 -7.27 9.10
N THR A 455 -26.33 -8.03 8.50
CA THR A 455 -25.28 -7.44 7.68
C THR A 455 -25.53 -7.63 6.19
N LEU A 456 -25.72 -6.51 5.49
CA LEU A 456 -25.87 -6.53 4.03
C LEU A 456 -24.51 -6.36 3.36
N TYR A 457 -24.22 -7.24 2.40
CA TYR A 457 -22.99 -7.16 1.61
C TYR A 457 -23.30 -6.90 0.15
N TYR A 458 -22.69 -5.88 -0.44
CA TYR A 458 -22.73 -5.75 -1.89
C TYR A 458 -21.58 -6.57 -2.48
N VAL A 459 -21.88 -7.36 -3.52
CA VAL A 459 -20.83 -8.14 -4.16
C VAL A 459 -20.14 -7.30 -5.23
N ASN A 460 -18.90 -7.65 -5.55
CA ASN A 460 -18.20 -7.00 -6.63
C ASN A 460 -18.85 -7.37 -7.96
N LYS A 461 -19.06 -6.39 -8.82
CA LYS A 461 -19.78 -6.65 -10.06
C LYS A 461 -18.85 -6.79 -11.26
N GLN A 462 -17.58 -7.06 -11.02
CA GLN A 462 -16.65 -7.26 -12.12
C GLN A 462 -16.98 -8.53 -12.90
N GLU A 463 -16.76 -8.46 -14.21
CA GLU A 463 -17.00 -9.59 -15.10
C GLU A 463 -15.94 -10.68 -14.92
N GLY A 464 -16.39 -11.94 -14.94
CA GLY A 464 -15.50 -13.08 -14.84
C GLY A 464 -16.27 -14.32 -14.42
N LYS A 465 -15.76 -15.48 -14.80
CA LYS A 465 -16.47 -16.75 -14.54
C LYS A 465 -16.06 -17.40 -13.23
N SER A 466 -17.05 -17.93 -12.52
CA SER A 466 -16.81 -18.70 -11.30
C SER A 466 -17.04 -20.18 -11.52
N LEU A 467 -16.29 -21.02 -10.82
CA LEU A 467 -16.48 -22.45 -10.86
C LEU A 467 -16.73 -22.95 -9.44
N TYR A 468 -17.84 -23.64 -9.25
CA TYR A 468 -18.18 -24.21 -7.95
C TYR A 468 -17.62 -25.63 -7.90
N VAL A 469 -16.59 -25.86 -7.09
CA VAL A 469 -16.00 -27.18 -6.99
C VAL A 469 -16.63 -27.92 -5.82
N LYS A 470 -17.50 -28.87 -6.12
CA LYS A 470 -18.20 -29.61 -5.07
C LYS A 470 -17.23 -30.53 -4.35
N GLY A 471 -17.51 -30.78 -3.08
CA GLY A 471 -16.71 -31.69 -2.28
C GLY A 471 -17.20 -31.74 -0.87
N GLU A 472 -17.03 -32.88 -0.22
CA GLU A 472 -17.42 -33.04 1.16
C GLU A 472 -16.67 -32.06 2.06
N PRO A 473 -17.41 -31.29 2.87
CA PRO A 473 -16.78 -30.40 3.86
C PRO A 473 -15.86 -31.22 4.77
N ILE A 474 -14.59 -30.84 4.86
CA ILE A 474 -13.60 -31.68 5.53
C ILE A 474 -13.85 -31.75 7.04
N ILE A 475 -14.61 -30.80 7.56
CA ILE A 475 -14.95 -30.78 8.98
C ILE A 475 -15.74 -32.05 9.37
N ASN A 476 -16.38 -32.68 8.40
CA ASN A 476 -17.11 -33.93 8.65
C ASN A 476 -16.20 -35.11 8.92
N PHE A 477 -14.92 -34.97 8.63
CA PHE A 477 -13.97 -36.08 8.77
C PHE A 477 -13.45 -36.17 10.19
N TYR A 478 -13.88 -35.26 11.05
CA TYR A 478 -13.33 -35.20 12.41
C TYR A 478 -14.33 -35.62 13.48
N ASP A 479 -13.84 -36.37 14.46
CA ASP A 479 -14.63 -36.74 15.63
C ASP A 479 -14.58 -35.61 16.66
N PRO A 480 -15.73 -34.99 16.92
CA PRO A 480 -15.82 -33.81 17.79
C PRO A 480 -15.32 -34.07 19.22
N LEU A 481 -15.29 -35.34 19.62
CA LEU A 481 -14.90 -35.69 20.99
C LEU A 481 -13.39 -35.61 21.20
N VAL A 482 -12.63 -35.63 20.12
CA VAL A 482 -11.17 -35.54 20.23
C VAL A 482 -10.64 -34.40 19.36
N PHE A 483 -11.54 -33.56 18.87
CA PHE A 483 -11.16 -32.43 18.03
C PHE A 483 -10.50 -31.34 18.87
N PRO A 484 -9.25 -31.00 18.54
CA PRO A 484 -8.56 -29.93 19.27
C PRO A 484 -9.02 -28.54 18.84
N SER A 485 -9.93 -27.93 19.59
CA SER A 485 -10.36 -26.58 19.26
C SER A 485 -9.45 -25.54 19.93
N ASP A 486 -9.65 -24.28 19.55
CA ASP A 486 -8.82 -23.17 20.03
C ASP A 486 -7.34 -23.34 19.65
N GLU A 487 -7.11 -23.88 18.47
CA GLU A 487 -5.76 -23.91 17.88
C GLU A 487 -5.69 -22.82 16.81
N PHE A 488 -4.83 -21.84 17.00
CA PHE A 488 -4.79 -20.74 16.03
C PHE A 488 -3.72 -20.89 14.97
N ASP A 489 -2.48 -21.08 15.39
CA ASP A 489 -1.36 -21.22 14.47
C ASP A 489 -1.15 -22.71 14.17
N ALA A 490 -2.19 -23.35 13.66
CA ALA A 490 -2.16 -24.80 13.48
C ALA A 490 -2.06 -25.21 12.03
N SER A 491 -2.18 -26.50 11.80
CA SER A 491 -2.11 -27.06 10.46
C SER A 491 -2.75 -28.44 10.46
N ILE A 492 -2.95 -28.99 9.27
CA ILE A 492 -3.53 -30.31 9.11
C ILE A 492 -2.74 -31.34 9.92
N SER A 493 -1.42 -31.35 9.78
CA SER A 493 -0.61 -32.33 10.48
C SER A 493 -0.60 -32.12 12.00
N GLN A 494 -0.58 -30.87 12.42
CA GLN A 494 -0.57 -30.57 13.85
C GLN A 494 -1.86 -31.03 14.51
N VAL A 495 -2.98 -30.76 13.84
CA VAL A 495 -4.28 -31.23 14.31
C VAL A 495 -4.33 -32.76 14.36
N ASN A 496 -3.86 -33.43 13.31
CA ASN A 496 -3.75 -34.89 13.30
C ASN A 496 -2.90 -35.39 14.46
N GLU A 497 -1.78 -34.74 14.68
CA GLU A 497 -0.85 -35.10 15.75
C GLU A 497 -1.55 -35.06 17.11
N LYS A 498 -2.32 -34.00 17.37
CA LYS A 498 -2.99 -33.86 18.65
C LYS A 498 -4.13 -34.86 18.80
N ILE A 499 -4.84 -35.11 17.70
CA ILE A 499 -5.91 -36.11 17.71
C ILE A 499 -5.34 -37.48 18.03
N ASN A 500 -4.19 -37.81 17.45
CA ASN A 500 -3.52 -39.09 17.72
C ASN A 500 -3.18 -39.27 19.19
N GLN A 501 -2.80 -38.18 19.86
CA GLN A 501 -2.46 -38.23 21.27
C GLN A 501 -3.69 -38.39 22.16
N SER A 502 -4.77 -37.72 21.79
CA SER A 502 -6.03 -37.84 22.53
C SER A 502 -6.62 -39.25 22.39
N LEU A 503 -6.44 -39.83 21.20
CA LEU A 503 -6.91 -41.19 20.95
C LEU A 503 -6.03 -42.20 21.70
N ALA A 504 -4.75 -41.87 21.83
CA ALA A 504 -3.80 -42.74 22.52
C ALA A 504 -4.15 -42.87 24.00
N PHE A 505 -4.47 -41.74 24.63
CA PHE A 505 -4.80 -41.71 26.05
C PHE A 505 -6.19 -42.30 26.32
N ILE A 506 -6.96 -42.50 25.27
CA ILE A 506 -8.25 -43.18 25.39
C ILE A 506 -8.15 -44.65 25.00
C3' NHE B . -9.16 -36.16 8.05
C2' NHE B . -9.49 -36.79 9.39
C1' NHE B . -8.23 -37.05 10.18
C6' NHE B . -7.30 -37.98 9.42
N NHE B . -8.48 -37.57 11.50
C1 NHE B . -9.67 -38.39 11.57
C2 NHE B . -9.60 -39.25 12.89
S NHE B . -10.86 -38.73 14.08
O1 NHE B . -10.57 -39.31 15.45
O2 NHE B . -11.01 -37.24 14.16
O3 NHE B . -12.21 -39.15 13.60
C5' NHE B . -6.94 -37.37 8.09
C4' NHE B . -8.17 -36.99 7.27
S SO4 C . -0.76 -1.36 -16.56
O1 SO4 C . -1.00 -1.25 -15.12
O2 SO4 C . -1.73 -0.54 -17.27
O3 SO4 C . -0.92 -2.76 -16.97
O4 SO4 C . 0.59 -0.88 -16.87
S SO4 D . 10.67 28.09 -11.04
O1 SO4 D . 9.28 27.68 -11.05
O2 SO4 D . 10.84 29.23 -10.13
O3 SO4 D . 11.07 28.48 -12.39
O4 SO4 D . 11.52 26.99 -10.59
S SO4 E . -20.69 -17.42 -13.70
O1 SO4 E . -21.51 -17.88 -12.58
O2 SO4 E . -20.49 -15.98 -13.63
O3 SO4 E . -21.35 -17.75 -14.96
O4 SO4 E . -19.38 -18.07 -13.66
S SO4 F . -25.03 -9.17 -13.61
O1 SO4 F . -25.52 -7.81 -13.41
O2 SO4 F . -25.31 -9.95 -12.42
O3 SO4 F . -23.59 -9.14 -13.84
O4 SO4 F . -25.71 -9.76 -14.76
S SO4 G . -3.55 -10.19 10.11
O1 SO4 G . -2.57 -9.39 10.85
O2 SO4 G . -4.22 -9.36 9.10
O3 SO4 G . -2.88 -11.29 9.45
O4 SO4 G . -4.54 -10.71 11.05
C10 5NM H . -4.04 -14.73 20.20
C13 5NM H . -0.97 -12.45 16.83
C15 5NM H . -1.81 -11.31 16.27
C22 5NM H . -0.41 -15.65 16.79
C24 5NM H . -2.19 -17.04 18.73
C26 5NM H . -5.63 -13.60 16.64
C28 5NM H . -8.73 -17.50 17.01
C01 5NM H . -2.68 -13.21 18.63
N02 5NM H . -3.05 -14.49 19.19
N03 5NM H . -1.64 -13.43 17.64
C04 5NM H . -5.13 -15.57 19.53
N05 5NM H . -5.38 -16.90 19.74
C06 5NM H . -2.24 -15.51 18.55
C07 5NM H . -1.37 -14.85 17.60
N08 5NM H . -6.01 -15.09 18.59
C09 5NM H . -6.42 -17.26 18.94
C11 5NM H . -6.81 -16.13 18.22
S12 5NM H . -5.70 -12.05 14.40
C14 5NM H . -0.80 -11.04 17.39
C16 5NM H . -7.16 -18.62 18.75
O17 5NM H . -3.19 -12.14 18.95
C18 5NM H . -8.02 -16.20 17.20
O19 5NM H . -6.30 -13.10 13.61
O20 5NM H . -4.29 -12.28 14.19
N21 5NM H . -1.23 -17.84 17.93
C23 5NM H . -8.31 -18.69 17.78
C25 5NM H . -6.07 -13.73 18.10
C27 5NM H . -6.13 -12.23 16.12
C29 5NM H . -6.21 -10.44 13.84
BR3 5NM H . -9.20 -20.36 17.53
C31 5NM H . -0.35 -17.17 16.96
#